data_6V6Y
#
_entry.id   6V6Y
#
_cell.length_a   121.357
_cell.length_b   121.357
_cell.length_c   59.620
_cell.angle_alpha   90.000
_cell.angle_beta   90.000
_cell.angle_gamma   120.000
#
_symmetry.space_group_name_H-M   'P 32 2 1'
#
loop_
_entity.id
_entity.type
_entity.pdbx_description
1 polymer 'Bifunctional protein FolD'
2 non-polymer 'NADP NICOTINAMIDE-ADENINE-DINUCLEOTIDE PHOSPHATE'
3 water water
#
_entity_poly.entity_id   1
_entity_poly.type   'polypeptide(L)'
_entity_poly.pdbx_seq_one_letter_code
;MAAQVLSGHEAAEAVYEEIRARLRSLSFTPSLRVIRLGEDPASVAYVRLKDKRARALGYRSQVEVYPEDLPEEALLERIA
ALNADEEVDGILVQLPLPPHIRTQRVLEAIHPLKDVDGFHPLNVGRLWSGGKGLFPCTPLGVVRLLKHYGVDLRGKEVVV
VGRSNIVGKPLAGLLLREDATVTLAHSKTQDLPEVTRRAQVLVVAVGRPHLVRKEWVREGAIVVDVGVNRVEGRLLGDVH
PEVAEVAFALTPVPGGVGPMTVAMLMGNTLEAALLRR
;
_entity_poly.pdbx_strand_id   A
#
# COMPACT_ATOMS: atom_id res chain seq x y z
N MET A 1 9.04 -25.64 13.61
CA MET A 1 8.16 -24.97 14.56
C MET A 1 8.11 -23.44 14.34
N ALA A 2 9.26 -22.78 14.33
CA ALA A 2 9.29 -21.31 14.26
C ALA A 2 8.67 -20.81 12.95
N ALA A 3 8.19 -19.57 12.98
CA ALA A 3 7.44 -19.04 11.85
C ALA A 3 8.34 -18.88 10.62
N GLN A 4 7.80 -19.23 9.45
CA GLN A 4 8.46 -18.83 8.20
C GLN A 4 8.48 -17.31 8.09
N VAL A 5 9.47 -16.78 7.38
CA VAL A 5 9.53 -15.34 7.15
C VAL A 5 8.99 -15.08 5.75
N LEU A 6 7.84 -14.42 5.67
CA LEU A 6 7.22 -14.11 4.38
C LEU A 6 7.93 -12.90 3.81
N SER A 7 8.93 -13.16 2.98
CA SER A 7 9.69 -12.07 2.39
C SER A 7 8.86 -11.36 1.32
N GLY A 8 8.84 -10.03 1.38
CA GLY A 8 8.17 -9.28 0.34
C GLY A 8 8.95 -9.21 -0.96
N HIS A 9 10.28 -9.26 -0.90
CA HIS A 9 11.11 -9.16 -2.10
C HIS A 9 10.84 -10.31 -3.06
N GLU A 10 10.71 -11.53 -2.54
CA GLU A 10 10.41 -12.67 -3.40
C GLU A 10 9.05 -12.51 -4.06
N ALA A 11 8.05 -12.07 -3.30
CA ALA A 11 6.73 -11.85 -3.88
C ALA A 11 6.73 -10.66 -4.83
N ALA A 12 7.46 -9.59 -4.47
CA ALA A 12 7.52 -8.43 -5.36
C ALA A 12 8.15 -8.79 -6.69
N GLU A 13 9.16 -9.67 -6.67
CA GLU A 13 9.86 -10.05 -7.91
C GLU A 13 8.90 -10.73 -8.88
N ALA A 14 7.99 -11.57 -8.37
CA ALA A 14 7.00 -12.16 -9.27
C ALA A 14 6.13 -11.07 -9.92
N VAL A 15 5.82 -10.00 -9.19
CA VAL A 15 5.06 -8.90 -9.81
C VAL A 15 5.91 -8.21 -10.88
N TYR A 16 7.19 -7.95 -10.57
CA TYR A 16 8.06 -7.24 -11.50
C TYR A 16 8.30 -8.04 -12.77
N GLU A 17 8.45 -9.37 -12.62
CA GLU A 17 8.54 -10.25 -13.77
C GLU A 17 7.30 -10.15 -14.65
N GLU A 18 6.11 -10.14 -14.03
CA GLU A 18 4.87 -9.95 -14.78
C GLU A 18 4.87 -8.61 -15.52
N ILE A 19 5.38 -7.56 -14.88
CA ILE A 19 5.37 -6.24 -15.50
C ILE A 19 6.33 -6.20 -16.69
N ARG A 20 7.57 -6.67 -16.50
CA ARG A 20 8.53 -6.65 -17.60
C ARG A 20 8.00 -7.41 -18.81
N ALA A 21 7.36 -8.56 -18.56
CA ALA A 21 6.81 -9.35 -19.66
C ALA A 21 5.77 -8.57 -20.44
N ARG A 22 4.90 -7.86 -19.73
CA ARG A 22 3.80 -7.18 -20.42
C ARG A 22 4.29 -5.96 -21.19
N LEU A 23 5.41 -5.36 -20.77
CA LEU A 23 5.90 -4.16 -21.44
C LEU A 23 6.37 -4.46 -22.86
N ARG A 24 7.09 -5.57 -23.06
CA ARG A 24 7.55 -5.93 -24.41
C ARG A 24 6.37 -6.03 -25.38
N SER A 25 5.25 -6.57 -24.92
CA SER A 25 4.02 -6.64 -25.71
C SER A 25 3.31 -5.28 -25.81
N LEU A 26 4.03 -4.18 -25.57
CA LEU A 26 3.44 -2.86 -25.62
C LEU A 26 4.29 -1.95 -26.48
N SER A 27 3.62 -1.09 -27.25
CA SER A 27 4.32 -0.07 -28.02
C SER A 27 5.04 0.92 -27.10
N PHE A 28 4.27 1.52 -26.19
CA PHE A 28 4.68 2.65 -25.36
C PHE A 28 5.35 2.19 -24.06
N THR A 29 5.68 3.16 -23.22
CA THR A 29 6.14 2.94 -21.87
C THR A 29 5.32 3.80 -20.91
N PRO A 30 4.97 3.27 -19.72
CA PRO A 30 4.16 4.06 -18.79
C PRO A 30 4.97 5.20 -18.19
N SER A 31 4.25 6.26 -17.82
CA SER A 31 4.86 7.49 -17.35
C SER A 31 4.25 7.85 -16.00
N LEU A 32 5.09 7.99 -14.98
CA LEU A 32 4.65 8.26 -13.62
C LEU A 32 5.15 9.64 -13.18
N ARG A 33 4.26 10.45 -12.63
CA ARG A 33 4.63 11.71 -12.01
C ARG A 33 4.38 11.63 -10.51
N VAL A 34 5.40 11.94 -9.73
CA VAL A 34 5.31 11.95 -8.29
C VAL A 34 5.55 13.38 -7.82
N ILE A 35 4.60 13.92 -7.06
CA ILE A 35 4.64 15.28 -6.54
C ILE A 35 4.98 15.21 -5.06
N ARG A 36 5.94 16.03 -4.63
CA ARG A 36 6.28 16.16 -3.22
C ARG A 36 6.40 17.64 -2.88
N LEU A 37 5.77 18.03 -1.77
CA LEU A 37 5.93 19.37 -1.21
C LEU A 37 6.83 19.28 0.01
N GLY A 38 7.83 20.16 0.10
CA GLY A 38 8.67 20.21 1.27
C GLY A 38 9.73 19.12 1.29
N GLU A 39 10.37 18.96 2.45
CA GLU A 39 11.55 18.13 2.58
C GLU A 39 11.45 17.16 3.76
N ASP A 40 10.27 16.61 4.03
CA ASP A 40 10.14 15.64 5.12
C ASP A 40 11.04 14.43 4.83
N PRO A 41 11.94 14.06 5.74
CA PRO A 41 12.96 13.05 5.41
C PRO A 41 12.37 11.70 5.09
N ALA A 42 11.29 11.31 5.77
CA ALA A 42 10.61 10.08 5.40
C ALA A 42 9.96 10.21 4.04
N SER A 43 9.42 11.39 3.72
CA SER A 43 8.82 11.59 2.41
C SER A 43 9.89 11.53 1.31
N VAL A 44 11.02 12.20 1.53
CA VAL A 44 12.12 12.14 0.55
C VAL A 44 12.51 10.70 0.24
N ALA A 45 12.71 9.89 1.28
CA ALA A 45 13.15 8.52 1.09
C ALA A 45 12.12 7.67 0.33
N TYR A 46 10.83 7.82 0.68
CA TYR A 46 9.78 7.07 -0.01
C TYR A 46 9.75 7.38 -1.50
N VAL A 47 9.73 8.66 -1.86
CA VAL A 47 9.59 9.00 -3.28
C VAL A 47 10.84 8.57 -4.04
N ARG A 48 12.01 8.71 -3.41
CA ARG A 48 13.24 8.28 -4.06
C ARG A 48 13.19 6.80 -4.39
N LEU A 49 12.53 6.00 -3.54
CA LEU A 49 12.41 4.56 -3.78
C LEU A 49 11.37 4.26 -4.85
N LYS A 50 10.25 4.99 -4.87
CA LYS A 50 9.28 4.82 -5.94
C LYS A 50 9.88 5.21 -7.29
N ASP A 51 10.57 6.34 -7.34
CA ASP A 51 11.21 6.78 -8.59
C ASP A 51 12.27 5.79 -9.06
N LYS A 52 13.16 5.38 -8.15
CA LYS A 52 14.23 4.44 -8.50
C LYS A 52 13.68 3.15 -9.08
N ARG A 53 12.60 2.63 -8.52
CA ARG A 53 12.08 1.38 -9.03
C ARG A 53 11.33 1.57 -10.35
N ALA A 54 10.57 2.65 -10.47
CA ALA A 54 9.93 2.92 -11.75
C ALA A 54 10.98 3.03 -12.86
N ARG A 55 12.07 3.73 -12.59
CA ARG A 55 13.09 3.89 -13.63
C ARG A 55 13.76 2.55 -13.92
N ALA A 56 14.05 1.78 -12.88
CA ALA A 56 14.63 0.45 -13.08
C ALA A 56 13.74 -0.43 -13.95
N LEU A 57 12.42 -0.26 -13.88
CA LEU A 57 11.54 -1.04 -14.73
C LEU A 57 11.54 -0.54 -16.17
N GLY A 58 12.03 0.68 -16.42
CA GLY A 58 11.92 1.30 -17.72
C GLY A 58 10.81 2.33 -17.87
N TYR A 59 10.14 2.68 -16.79
CA TYR A 59 9.10 3.71 -16.87
C TYR A 59 9.75 5.08 -17.10
N ARG A 60 8.98 5.98 -17.70
CA ARG A 60 9.28 7.40 -17.57
C ARG A 60 8.81 7.82 -16.19
N SER A 61 9.74 8.20 -15.31
CA SER A 61 9.39 8.56 -13.95
C SER A 61 10.03 9.90 -13.60
N GLN A 62 9.23 10.78 -12.99
CA GLN A 62 9.70 12.12 -12.76
C GLN A 62 9.14 12.58 -11.43
N VAL A 63 10.01 13.07 -10.54
CA VAL A 63 9.59 13.64 -9.26
C VAL A 63 9.55 15.15 -9.40
N GLU A 64 8.40 15.76 -9.09
CA GLU A 64 8.27 17.21 -9.09
C GLU A 64 8.26 17.67 -7.65
N VAL A 65 9.35 18.28 -7.22
CA VAL A 65 9.49 18.79 -5.86
C VAL A 65 9.13 20.26 -5.87
N TYR A 66 8.25 20.66 -4.97
CA TYR A 66 7.89 22.06 -4.79
C TYR A 66 8.24 22.49 -3.37
N PRO A 67 8.32 23.80 -3.12
CA PRO A 67 8.53 24.26 -1.75
C PRO A 67 7.37 23.85 -0.84
N GLU A 68 7.68 23.80 0.45
CA GLU A 68 6.65 23.46 1.43
C GLU A 68 5.48 24.45 1.39
N ASP A 69 5.76 25.73 1.17
CA ASP A 69 4.73 26.77 1.21
C ASP A 69 4.04 26.97 -0.12
N LEU A 70 4.10 25.98 -1.01
CA LEU A 70 3.33 26.09 -2.24
C LEU A 70 1.85 26.26 -1.90
N PRO A 71 1.15 27.23 -2.50
CA PRO A 71 -0.29 27.36 -2.25
C PRO A 71 -1.07 26.22 -2.85
N GLU A 72 -2.19 25.86 -2.19
CA GLU A 72 -2.95 24.72 -2.67
C GLU A 72 -3.55 24.99 -4.04
N GLU A 73 -3.74 26.26 -4.38
CA GLU A 73 -4.24 26.63 -5.70
C GLU A 73 -3.22 26.29 -6.78
N ALA A 74 -1.93 26.47 -6.49
CA ALA A 74 -0.90 26.07 -7.45
C ALA A 74 -0.82 24.55 -7.59
N LEU A 75 -0.90 23.82 -6.48
CA LEU A 75 -0.94 22.35 -6.54
C LEU A 75 -2.08 21.87 -7.43
N LEU A 76 -3.29 22.42 -7.22
CA LEU A 76 -4.43 21.98 -8.00
C LEU A 76 -4.27 22.34 -9.48
N GLU A 77 -3.68 23.51 -9.77
CA GLU A 77 -3.37 23.86 -11.16
C GLU A 77 -2.41 22.84 -11.76
N ARG A 78 -1.34 22.50 -11.04
CA ARG A 78 -0.38 21.55 -11.58
C ARG A 78 -1.03 20.21 -11.88
N ILE A 79 -1.82 19.70 -10.93
CA ILE A 79 -2.53 18.43 -11.13
C ILE A 79 -3.45 18.51 -12.35
N ALA A 80 -4.18 19.62 -12.51
CA ALA A 80 -5.04 19.76 -13.69
C ALA A 80 -4.20 19.73 -14.97
N ALA A 81 -3.06 20.42 -14.96
CA ALA A 81 -2.14 20.35 -16.10
C ALA A 81 -1.72 18.91 -16.38
N LEU A 82 -1.38 18.15 -15.32
CA LEU A 82 -0.97 16.76 -15.51
C LEU A 82 -2.14 15.87 -15.92
N ASN A 83 -3.36 16.16 -15.43
CA ASN A 83 -4.54 15.40 -15.88
C ASN A 83 -4.71 15.51 -17.39
N ALA A 84 -4.50 16.71 -17.94
CA ALA A 84 -4.67 16.92 -19.37
C ALA A 84 -3.46 16.48 -20.19
N ASP A 85 -2.29 16.36 -19.56
CA ASP A 85 -1.09 15.93 -20.28
C ASP A 85 -1.24 14.47 -20.68
N GLU A 86 -1.53 14.26 -21.97
CA GLU A 86 -1.78 12.93 -22.49
C GLU A 86 -0.54 12.03 -22.45
N GLU A 87 0.62 12.55 -22.05
CA GLU A 87 1.81 11.71 -21.93
C GLU A 87 2.08 11.25 -20.50
N VAL A 88 1.19 11.56 -19.56
CA VAL A 88 1.33 11.18 -18.16
C VAL A 88 0.26 10.14 -17.87
N ASP A 89 0.68 8.94 -17.45
CA ASP A 89 -0.25 7.88 -17.10
C ASP A 89 -0.62 7.86 -15.63
N GLY A 90 0.34 8.10 -14.74
CA GLY A 90 0.05 8.03 -13.33
C GLY A 90 0.46 9.28 -12.57
N ILE A 91 -0.42 9.77 -11.71
CA ILE A 91 -0.16 10.93 -10.87
C ILE A 91 -0.26 10.50 -9.42
N LEU A 92 0.74 10.86 -8.64
CA LEU A 92 0.90 10.42 -7.27
C LEU A 92 1.30 11.63 -6.46
N VAL A 93 0.59 11.88 -5.35
CA VAL A 93 0.95 12.95 -4.43
C VAL A 93 1.46 12.32 -3.15
N GLN A 94 2.67 12.67 -2.74
CA GLN A 94 3.29 12.08 -1.57
C GLN A 94 2.68 12.71 -0.32
N LEU A 95 2.15 11.87 0.56
CA LEU A 95 1.61 12.35 1.82
C LEU A 95 2.63 12.21 2.92
N PRO A 96 2.54 13.03 3.99
CA PRO A 96 1.51 14.02 4.27
C PRO A 96 1.71 15.33 3.54
N LEU A 97 0.62 16.00 3.24
CA LEU A 97 0.71 17.34 2.70
C LEU A 97 0.83 18.34 3.84
N PRO A 98 1.41 19.50 3.59
CA PRO A 98 1.51 20.53 4.64
C PRO A 98 0.15 21.01 5.08
N PRO A 99 0.05 21.54 6.31
CA PRO A 99 -1.28 21.80 6.91
C PRO A 99 -2.13 22.81 6.16
N HIS A 100 -1.52 23.74 5.40
CA HIS A 100 -2.30 24.76 4.73
C HIS A 100 -3.05 24.21 3.51
N ILE A 101 -2.92 22.92 3.24
CA ILE A 101 -3.44 22.28 2.04
C ILE A 101 -4.47 21.24 2.45
N ARG A 102 -5.63 21.27 1.78
CA ARG A 102 -6.72 20.34 2.05
C ARG A 102 -6.47 19.05 1.27
N THR A 103 -6.05 18.00 1.98
CA THR A 103 -5.62 16.76 1.35
C THR A 103 -6.73 16.14 0.51
N GLN A 104 -7.92 15.96 1.08
CA GLN A 104 -9.05 15.41 0.32
C GLN A 104 -9.25 16.19 -0.98
N ARG A 105 -9.16 17.52 -0.91
CA ARG A 105 -9.36 18.34 -2.10
C ARG A 105 -8.31 18.04 -3.16
N VAL A 106 -7.06 17.81 -2.74
CA VAL A 106 -5.99 17.52 -3.71
C VAL A 106 -6.19 16.14 -4.33
N LEU A 107 -6.43 15.12 -3.49
CA LEU A 107 -6.62 13.77 -3.98
C LEU A 107 -7.81 13.67 -4.93
N GLU A 108 -8.91 14.35 -4.61
CA GLU A 108 -10.08 14.34 -5.50
C GLU A 108 -9.83 15.08 -6.80
N ALA A 109 -8.80 15.93 -6.86
CA ALA A 109 -8.45 16.62 -8.11
C ALA A 109 -7.76 15.70 -9.11
N ILE A 110 -7.11 14.63 -8.66
CA ILE A 110 -6.41 13.74 -9.58
C ILE A 110 -7.43 12.99 -10.40
N HIS A 111 -7.19 12.88 -11.71
CA HIS A 111 -8.14 12.16 -12.54
C HIS A 111 -8.15 10.68 -12.14
N PRO A 112 -9.33 10.07 -11.98
CA PRO A 112 -9.39 8.69 -11.47
C PRO A 112 -8.62 7.70 -12.31
N LEU A 113 -8.46 7.96 -13.61
CA LEU A 113 -7.74 7.01 -14.45
C LEU A 113 -6.23 7.13 -14.30
N LYS A 114 -5.74 8.16 -13.61
CA LYS A 114 -4.34 8.34 -13.34
C LYS A 114 -4.03 8.21 -11.85
N ASP A 115 -5.03 7.81 -11.07
CA ASP A 115 -4.94 7.83 -9.61
C ASP A 115 -4.32 6.52 -9.12
N VAL A 116 -3.01 6.39 -9.38
CA VAL A 116 -2.29 5.15 -9.10
C VAL A 116 -2.32 4.77 -7.61
N ASP A 117 -2.53 5.73 -6.70
CA ASP A 117 -2.68 5.41 -5.28
C ASP A 117 -4.10 5.00 -4.88
N GLY A 118 -5.09 5.20 -5.76
CA GLY A 118 -6.43 4.69 -5.53
C GLY A 118 -7.24 5.43 -4.49
N PHE A 119 -6.92 6.69 -4.19
CA PHE A 119 -7.60 7.44 -3.14
C PHE A 119 -8.81 8.22 -3.66
N HIS A 120 -8.94 8.40 -4.96
CA HIS A 120 -10.06 9.18 -5.48
C HIS A 120 -11.38 8.47 -5.13
N PRO A 121 -12.38 9.20 -4.63
CA PRO A 121 -13.61 8.52 -4.16
C PRO A 121 -14.24 7.63 -5.23
N LEU A 122 -14.02 7.91 -6.52
CA LEU A 122 -14.53 7.00 -7.55
C LEU A 122 -13.81 5.66 -7.52
N ASN A 123 -12.50 5.66 -7.24
CA ASN A 123 -11.82 4.39 -7.10
C ASN A 123 -12.20 3.69 -5.79
N VAL A 124 -12.35 4.46 -4.71
CA VAL A 124 -12.83 3.87 -3.46
C VAL A 124 -14.20 3.25 -3.69
N GLY A 125 -15.07 3.98 -4.40
CA GLY A 125 -16.44 3.51 -4.58
C GLY A 125 -16.51 2.30 -5.49
N ARG A 126 -15.64 2.25 -6.51
CA ARG A 126 -15.58 1.06 -7.35
C ARG A 126 -15.11 -0.14 -6.54
N LEU A 127 -14.17 0.06 -5.62
CA LEU A 127 -13.64 -1.04 -4.83
C LEU A 127 -14.71 -1.69 -3.98
N TRP A 128 -15.43 -0.87 -3.22
CA TRP A 128 -16.47 -1.38 -2.33
C TRP A 128 -17.73 -1.81 -3.06
N SER A 129 -17.95 -1.34 -4.29
CA SER A 129 -19.12 -1.76 -5.07
C SER A 129 -18.88 -3.01 -5.92
N GLY A 130 -17.64 -3.51 -6.00
CA GLY A 130 -17.34 -4.70 -6.76
C GLY A 130 -16.92 -4.48 -8.20
N GLY A 131 -16.75 -3.24 -8.64
CA GLY A 131 -16.36 -2.96 -10.01
C GLY A 131 -14.85 -2.91 -10.20
N LYS A 132 -14.45 -2.40 -11.36
CA LYS A 132 -13.04 -2.27 -11.74
C LYS A 132 -12.53 -0.88 -11.39
N GLY A 133 -11.25 -0.79 -11.03
CA GLY A 133 -10.65 0.50 -10.73
C GLY A 133 -9.20 0.35 -10.35
N LEU A 134 -8.62 1.47 -9.89
CA LEU A 134 -7.28 1.49 -9.33
C LEU A 134 -7.39 1.58 -7.80
N PHE A 135 -6.88 0.56 -7.11
CA PHE A 135 -7.05 0.37 -5.68
C PHE A 135 -5.75 0.63 -4.92
N PRO A 136 -5.82 0.92 -3.61
CA PRO A 136 -4.61 1.35 -2.89
C PRO A 136 -3.54 0.28 -2.84
N CYS A 137 -2.28 0.73 -2.80
CA CYS A 137 -1.15 -0.15 -3.12
C CYS A 137 -0.79 -1.08 -1.98
N THR A 138 -0.79 -0.59 -0.75
CA THR A 138 -0.46 -1.50 0.35
C THR A 138 -1.51 -2.60 0.49
N PRO A 139 -2.81 -2.32 0.49
CA PRO A 139 -3.77 -3.44 0.54
C PRO A 139 -3.59 -4.42 -0.61
N LEU A 140 -3.45 -3.92 -1.84
CA LEU A 140 -3.17 -4.82 -2.96
C LEU A 140 -1.95 -5.67 -2.68
N GLY A 141 -0.93 -5.06 -2.08
CA GLY A 141 0.31 -5.79 -1.83
C GLY A 141 0.12 -6.84 -0.76
N VAL A 142 -0.71 -6.54 0.24
CA VAL A 142 -0.97 -7.52 1.29
C VAL A 142 -1.74 -8.71 0.74
N VAL A 143 -2.80 -8.45 -0.02
CA VAL A 143 -3.56 -9.56 -0.63
C VAL A 143 -2.64 -10.39 -1.53
N ARG A 144 -1.92 -9.73 -2.44
CA ARG A 144 -1.05 -10.45 -3.35
C ARG A 144 0.00 -11.26 -2.61
N LEU A 145 0.59 -10.66 -1.58
CA LEU A 145 1.59 -11.39 -0.79
C LEU A 145 1.01 -12.67 -0.20
N LEU A 146 -0.19 -12.59 0.40
CA LEU A 146 -0.80 -13.79 0.99
C LEU A 146 -1.08 -14.84 -0.06
N LYS A 147 -1.61 -14.43 -1.22
CA LYS A 147 -1.87 -15.40 -2.28
C LYS A 147 -0.57 -15.95 -2.86
N HIS A 148 0.48 -15.14 -2.90
CA HIS A 148 1.76 -15.65 -3.39
C HIS A 148 2.22 -16.81 -2.54
N TYR A 149 2.10 -16.69 -1.23
CA TYR A 149 2.57 -17.73 -0.32
C TYR A 149 1.55 -18.82 -0.06
N GLY A 150 0.53 -18.95 -0.92
CA GLY A 150 -0.37 -20.09 -0.83
C GLY A 150 -1.51 -20.00 0.17
N VAL A 151 -1.81 -18.83 0.72
CA VAL A 151 -2.95 -18.72 1.63
C VAL A 151 -4.23 -18.70 0.80
N ASP A 152 -5.14 -19.61 1.09
CA ASP A 152 -6.48 -19.63 0.51
C ASP A 152 -7.39 -18.82 1.43
N LEU A 153 -7.74 -17.61 1.01
CA LEU A 153 -8.42 -16.67 1.90
C LEU A 153 -9.92 -16.93 2.03
N ARG A 154 -10.50 -17.74 1.13
CA ARG A 154 -11.92 -18.10 1.18
C ARG A 154 -12.26 -18.78 2.49
N GLY A 155 -13.18 -18.18 3.25
CA GLY A 155 -13.59 -18.74 4.51
C GLY A 155 -12.64 -18.49 5.66
N LYS A 156 -11.55 -17.78 5.46
CA LYS A 156 -10.61 -17.52 6.55
C LYS A 156 -11.10 -16.40 7.46
N GLU A 157 -10.82 -16.54 8.74
CA GLU A 157 -11.07 -15.48 9.71
C GLU A 157 -9.90 -14.50 9.65
N VAL A 158 -10.13 -13.31 9.09
CA VAL A 158 -9.11 -12.27 9.02
C VAL A 158 -9.47 -11.14 9.96
N VAL A 159 -8.52 -10.75 10.82
CA VAL A 159 -8.61 -9.51 11.59
C VAL A 159 -7.63 -8.49 11.02
N VAL A 160 -8.14 -7.30 10.74
CA VAL A 160 -7.35 -6.16 10.29
C VAL A 160 -7.38 -5.15 11.43
N VAL A 161 -6.22 -4.78 11.95
CA VAL A 161 -6.14 -3.81 13.03
C VAL A 161 -5.65 -2.50 12.47
N GLY A 162 -6.51 -1.48 12.52
CA GLY A 162 -6.25 -0.19 11.92
C GLY A 162 -7.25 0.03 10.82
N ARG A 163 -7.80 1.22 10.72
CA ARG A 163 -8.90 1.47 9.82
C ARG A 163 -8.66 2.71 8.96
N SER A 164 -7.42 2.91 8.52
CA SER A 164 -7.13 4.10 7.73
C SER A 164 -7.61 3.93 6.29
N ASN A 165 -7.69 5.06 5.57
CA ASN A 165 -7.98 5.04 4.14
C ASN A 165 -6.80 4.52 3.31
N ILE A 166 -5.60 4.56 3.88
CA ILE A 166 -4.42 4.10 3.14
C ILE A 166 -4.27 2.58 3.23
N VAL A 167 -4.67 1.96 4.36
CA VAL A 167 -4.49 0.51 4.52
C VAL A 167 -5.76 -0.22 4.95
N GLY A 168 -6.21 0.01 6.18
CA GLY A 168 -7.18 -0.92 6.79
C GLY A 168 -8.48 -1.07 6.02
N LYS A 169 -9.10 0.06 5.67
CA LYS A 169 -10.40 -0.01 5.01
C LYS A 169 -10.33 -0.55 3.57
N PRO A 170 -9.48 -0.06 2.67
CA PRO A 170 -9.38 -0.76 1.38
C PRO A 170 -8.93 -2.21 1.55
N LEU A 171 -8.07 -2.51 2.54
CA LEU A 171 -7.73 -3.92 2.80
C LEU A 171 -8.96 -4.74 3.11
N ALA A 172 -9.80 -4.25 4.04
CA ALA A 172 -11.01 -4.99 4.37
C ALA A 172 -11.86 -5.23 3.13
N GLY A 173 -12.00 -4.21 2.28
CA GLY A 173 -12.77 -4.38 1.04
C GLY A 173 -12.17 -5.41 0.12
N LEU A 174 -10.84 -5.40 -0.05
CA LEU A 174 -10.21 -6.38 -0.93
C LEU A 174 -10.31 -7.79 -0.36
N LEU A 175 -10.17 -7.95 0.96
CA LEU A 175 -10.30 -9.29 1.54
C LEU A 175 -11.70 -9.86 1.36
N LEU A 176 -12.74 -9.01 1.41
CA LEU A 176 -14.09 -9.53 1.17
C LEU A 176 -14.23 -10.11 -0.23
N ARG A 177 -13.55 -9.50 -1.20
CA ARG A 177 -13.59 -10.03 -2.56
C ARG A 177 -12.93 -11.40 -2.66
N GLU A 178 -12.05 -11.74 -1.72
CA GLU A 178 -11.46 -13.07 -1.62
C GLU A 178 -12.29 -14.01 -0.74
N ASP A 179 -13.48 -13.55 -0.29
CA ASP A 179 -14.41 -14.36 0.49
C ASP A 179 -13.89 -14.67 1.89
N ALA A 180 -13.02 -13.82 2.42
CA ALA A 180 -12.66 -13.89 3.83
C ALA A 180 -13.78 -13.34 4.72
N THR A 181 -13.81 -13.79 5.97
CA THR A 181 -14.58 -13.15 7.03
C THR A 181 -13.69 -12.10 7.69
N VAL A 182 -14.13 -10.84 7.65
CA VAL A 182 -13.24 -9.72 7.98
C VAL A 182 -13.73 -9.02 9.23
N THR A 183 -12.81 -8.79 10.16
CA THR A 183 -13.05 -7.97 11.33
C THR A 183 -12.14 -6.75 11.22
N LEU A 184 -12.74 -5.56 11.27
CA LEU A 184 -11.98 -4.32 11.31
C LEU A 184 -11.91 -3.86 12.77
N ALA A 185 -10.71 -3.86 13.34
CA ALA A 185 -10.46 -3.38 14.68
C ALA A 185 -9.63 -2.11 14.63
N HIS A 186 -9.55 -1.41 15.75
CA HIS A 186 -8.99 -0.06 15.75
C HIS A 186 -8.81 0.38 17.19
N SER A 187 -8.47 1.65 17.38
CA SER A 187 -8.07 2.09 18.71
C SER A 187 -9.22 2.08 19.72
N LYS A 188 -10.47 1.99 19.28
CA LYS A 188 -11.60 1.96 20.21
C LYS A 188 -12.17 0.57 20.40
N THR A 189 -11.57 -0.44 19.78
CA THR A 189 -11.92 -1.82 20.09
C THR A 189 -11.60 -2.11 21.55
N GLN A 190 -12.51 -2.78 22.25
CA GLN A 190 -12.22 -3.16 23.63
C GLN A 190 -11.73 -4.60 23.66
N ASP A 191 -10.80 -4.87 24.58
CA ASP A 191 -10.12 -6.16 24.66
C ASP A 191 -9.56 -6.56 23.30
N LEU A 192 -8.80 -5.65 22.70
CA LEU A 192 -8.16 -5.93 21.41
C LEU A 192 -7.46 -7.29 21.37
N PRO A 193 -6.67 -7.70 22.37
CA PRO A 193 -6.00 -9.01 22.28
C PRO A 193 -6.95 -10.17 22.07
N GLU A 194 -8.12 -10.11 22.70
CA GLU A 194 -9.09 -11.18 22.51
C GLU A 194 -9.62 -11.17 21.07
N VAL A 195 -9.80 -9.99 20.49
CA VAL A 195 -10.24 -9.92 19.10
C VAL A 195 -9.17 -10.51 18.18
N THR A 196 -7.91 -10.10 18.38
CA THR A 196 -6.88 -10.59 17.48
C THR A 196 -6.64 -12.09 17.63
N ARG A 197 -6.88 -12.65 18.83
CA ARG A 197 -6.65 -14.08 19.05
C ARG A 197 -7.52 -14.96 18.16
N ARG A 198 -8.59 -14.44 17.59
CA ARG A 198 -9.44 -15.21 16.69
C ARG A 198 -8.85 -15.39 15.30
N ALA A 199 -7.92 -14.52 14.91
CA ALA A 199 -7.51 -14.42 13.52
C ALA A 199 -6.64 -15.61 13.10
N GLN A 200 -7.06 -16.29 12.03
CA GLN A 200 -6.16 -17.14 11.28
C GLN A 200 -5.18 -16.32 10.43
N VAL A 201 -5.64 -15.19 9.91
CA VAL A 201 -4.75 -14.21 9.27
C VAL A 201 -4.92 -12.90 10.02
N LEU A 202 -3.81 -12.37 10.53
CA LEU A 202 -3.82 -11.13 11.30
C LEU A 202 -2.96 -10.10 10.57
N VAL A 203 -3.58 -8.97 10.21
CA VAL A 203 -2.89 -7.87 9.55
C VAL A 203 -2.90 -6.67 10.47
N VAL A 204 -1.72 -6.12 10.75
CA VAL A 204 -1.58 -5.04 11.73
C VAL A 204 -1.03 -3.81 11.04
N ALA A 205 -1.81 -2.70 11.07
CA ALA A 205 -1.37 -1.39 10.51
C ALA A 205 -1.77 -0.28 11.49
N VAL A 206 -1.03 -0.15 12.58
CA VAL A 206 -1.35 0.83 13.60
C VAL A 206 -0.23 1.84 13.85
N GLY A 207 1.02 1.52 13.53
CA GLY A 207 2.10 2.45 13.80
C GLY A 207 2.50 2.56 15.26
N ARG A 208 2.51 1.45 15.99
CA ARG A 208 3.00 1.38 17.37
C ARG A 208 4.03 0.27 17.38
N PRO A 209 5.31 0.56 17.65
CA PRO A 209 6.36 -0.47 17.51
C PRO A 209 6.15 -1.63 18.46
N HIS A 210 6.16 -2.84 17.90
CA HIS A 210 6.08 -4.10 18.67
C HIS A 210 4.90 -4.12 19.64
N LEU A 211 3.82 -3.43 19.27
CA LEU A 211 2.61 -3.43 20.10
C LEU A 211 2.03 -4.83 20.27
N VAL A 212 1.95 -5.60 19.20
CA VAL A 212 1.28 -6.90 19.25
C VAL A 212 2.22 -7.96 19.82
N ARG A 213 1.83 -8.55 20.95
CA ARG A 213 2.61 -9.57 21.66
C ARG A 213 2.08 -10.97 21.33
N LYS A 214 2.79 -11.99 21.78
CA LYS A 214 2.47 -13.34 21.34
C LYS A 214 1.15 -13.83 21.93
N GLU A 215 0.77 -13.32 23.10
CA GLU A 215 -0.50 -13.71 23.70
C GLU A 215 -1.68 -13.22 22.87
N TRP A 216 -1.47 -12.17 22.05
CA TRP A 216 -2.51 -11.67 21.17
C TRP A 216 -2.73 -12.56 19.95
N VAL A 217 -1.87 -13.54 19.70
CA VAL A 217 -1.83 -14.21 18.41
C VAL A 217 -2.27 -15.66 18.58
N ARG A 218 -3.16 -16.08 17.69
CA ARG A 218 -3.57 -17.48 17.61
C ARG A 218 -2.42 -18.37 17.14
N GLU A 219 -2.30 -19.53 17.77
CA GLU A 219 -1.35 -20.54 17.34
C GLU A 219 -1.52 -20.84 15.84
N GLY A 220 -0.40 -20.81 15.11
CA GLY A 220 -0.43 -21.07 13.68
C GLY A 220 -1.02 -19.97 12.81
N ALA A 221 -1.14 -18.75 13.33
CA ALA A 221 -1.69 -17.66 12.54
C ALA A 221 -0.69 -17.19 11.50
N ILE A 222 -1.21 -16.65 10.40
CA ILE A 222 -0.42 -15.92 9.42
C ILE A 222 -0.48 -14.44 9.81
N VAL A 223 0.66 -13.85 10.12
CA VAL A 223 0.72 -12.49 10.65
C VAL A 223 1.42 -11.59 9.62
N VAL A 224 0.72 -10.53 9.21
CA VAL A 224 1.20 -9.55 8.23
C VAL A 224 1.39 -8.21 8.95
N ASP A 225 2.60 -7.69 8.95
CA ASP A 225 2.97 -6.53 9.76
C ASP A 225 3.21 -5.34 8.84
N VAL A 226 2.24 -4.42 8.79
CA VAL A 226 2.34 -3.24 7.92
C VAL A 226 3.08 -2.08 8.57
N GLY A 227 3.33 -2.15 9.88
CA GLY A 227 3.92 -1.01 10.56
C GLY A 227 5.34 -0.73 10.09
N VAL A 228 5.70 0.54 10.07
CA VAL A 228 7.07 0.94 9.78
C VAL A 228 7.43 2.02 10.78
N ASN A 229 8.03 1.65 11.90
CA ASN A 229 8.27 2.57 13.01
C ASN A 229 9.78 2.85 13.11
N ARG A 230 10.17 4.06 12.74
CA ARG A 230 11.56 4.53 12.86
C ARG A 230 11.88 4.72 14.34
N VAL A 231 12.73 3.85 14.89
CA VAL A 231 13.05 3.82 16.31
C VAL A 231 14.52 3.43 16.46
N GLU A 232 15.34 4.33 17.01
CA GLU A 232 16.75 4.06 17.26
C GLU A 232 17.47 3.70 15.96
N GLY A 233 17.15 4.46 14.90
CA GLY A 233 17.78 4.25 13.61
C GLY A 233 17.45 2.93 12.92
N ARG A 234 16.62 2.13 13.59
CA ARG A 234 16.09 0.90 13.04
C ARG A 234 14.67 1.11 12.50
N LEU A 235 14.17 0.07 11.84
CA LEU A 235 12.78 0.01 11.40
C LEU A 235 12.11 -1.10 12.18
N LEU A 236 11.08 -0.74 12.93
CA LEU A 236 10.35 -1.69 13.77
C LEU A 236 8.93 -1.84 13.25
N GLY A 237 8.47 -3.08 13.13
CA GLY A 237 7.09 -3.34 12.81
C GLY A 237 6.17 -3.04 13.99
N ASP A 238 4.87 -3.20 13.75
CA ASP A 238 3.90 -3.11 14.84
C ASP A 238 3.81 -4.40 15.62
N VAL A 239 4.42 -5.47 15.13
CA VAL A 239 4.31 -6.79 15.74
C VAL A 239 5.64 -7.14 16.41
N HIS A 240 5.56 -7.57 17.66
CA HIS A 240 6.76 -7.95 18.39
C HIS A 240 7.37 -9.22 17.80
N PRO A 241 8.70 -9.27 17.63
CA PRO A 241 9.33 -10.46 17.02
C PRO A 241 9.08 -11.75 17.78
N GLU A 242 8.73 -11.70 19.07
CA GLU A 242 8.37 -12.92 19.79
C GLU A 242 7.21 -13.66 19.13
N VAL A 243 6.44 -12.98 18.27
CA VAL A 243 5.27 -13.59 17.63
C VAL A 243 5.69 -14.74 16.72
N ALA A 244 6.95 -14.75 16.26
CA ALA A 244 7.49 -15.89 15.52
C ALA A 244 7.44 -17.20 16.31
N GLU A 245 7.28 -17.13 17.64
CA GLU A 245 7.15 -18.35 18.43
C GLU A 245 5.79 -19.01 18.26
N VAL A 246 4.75 -18.24 17.94
CA VAL A 246 3.39 -18.77 17.87
C VAL A 246 2.89 -18.82 16.43
N ALA A 247 3.32 -17.90 15.58
CA ALA A 247 2.75 -17.79 14.26
C ALA A 247 3.32 -18.86 13.33
N PHE A 248 2.49 -19.29 12.37
CA PHE A 248 3.00 -20.17 11.32
C PHE A 248 3.89 -19.41 10.34
N ALA A 249 3.62 -18.13 10.14
CA ALA A 249 4.39 -17.32 9.21
C ALA A 249 4.18 -15.86 9.59
N LEU A 250 5.25 -15.07 9.43
CA LEU A 250 5.29 -13.70 9.89
C LEU A 250 6.06 -12.85 8.89
N THR A 251 5.49 -11.70 8.55
CA THR A 251 6.11 -10.71 7.67
C THR A 251 7.25 -9.98 8.39
N PRO A 252 8.48 -10.03 7.89
CA PRO A 252 9.56 -9.27 8.52
C PRO A 252 9.39 -7.78 8.26
N VAL A 253 10.03 -6.98 9.11
CA VAL A 253 10.16 -5.54 8.91
C VAL A 253 11.63 -5.21 9.09
N PRO A 254 12.32 -4.64 8.09
CA PRO A 254 11.79 -4.28 6.77
C PRO A 254 11.73 -5.50 5.87
N GLY A 255 11.38 -5.33 4.59
CA GLY A 255 11.39 -6.44 3.65
C GLY A 255 10.14 -7.30 3.61
N GLY A 256 9.07 -6.94 4.31
CA GLY A 256 7.85 -7.72 4.19
C GLY A 256 6.86 -6.99 3.31
N VAL A 257 5.97 -6.20 3.94
CA VAL A 257 4.94 -5.49 3.19
C VAL A 257 5.55 -4.42 2.30
N GLY A 258 6.55 -3.70 2.79
CA GLY A 258 7.11 -2.56 2.11
C GLY A 258 7.45 -2.79 0.66
N PRO A 259 8.20 -3.87 0.36
CA PRO A 259 8.46 -4.17 -1.06
C PRO A 259 7.20 -4.40 -1.87
N MET A 260 6.17 -5.00 -1.26
CA MET A 260 4.95 -5.23 -2.03
C MET A 260 4.20 -3.93 -2.31
N THR A 261 4.26 -2.96 -1.39
CA THR A 261 3.64 -1.68 -1.66
C THR A 261 4.25 -1.02 -2.90
N VAL A 262 5.58 -1.09 -3.05
CA VAL A 262 6.22 -0.48 -4.20
C VAL A 262 5.81 -1.22 -5.48
N ALA A 263 5.86 -2.56 -5.43
CA ALA A 263 5.55 -3.37 -6.61
C ALA A 263 4.16 -3.08 -7.15
N MET A 264 3.17 -2.96 -6.25
CA MET A 264 1.80 -2.77 -6.74
C MET A 264 1.57 -1.34 -7.21
N LEU A 265 2.36 -0.38 -6.74
CA LEU A 265 2.31 0.95 -7.35
C LEU A 265 2.82 0.89 -8.79
N MET A 266 3.90 0.15 -9.04
CA MET A 266 4.35 -0.01 -10.43
C MET A 266 3.27 -0.71 -11.24
N GLY A 267 2.59 -1.70 -10.64
CA GLY A 267 1.52 -2.39 -11.33
C GLY A 267 0.30 -1.50 -11.57
N ASN A 268 0.02 -0.60 -10.63
CA ASN A 268 -1.09 0.33 -10.85
C ASN A 268 -0.74 1.35 -11.93
N THR A 269 0.56 1.65 -12.09
CA THR A 269 0.97 2.62 -13.11
C THR A 269 0.75 2.05 -14.51
N LEU A 270 1.19 0.81 -14.73
CA LEU A 270 0.83 0.10 -15.96
C LEU A 270 -0.68 0.10 -16.17
N GLU A 271 -1.45 -0.28 -15.14
CA GLU A 271 -2.89 -0.42 -15.31
C GLU A 271 -3.52 0.89 -15.72
N ALA A 272 -3.16 1.98 -15.05
CA ALA A 272 -3.68 3.29 -15.40
C ALA A 272 -3.40 3.63 -16.85
N ALA A 273 -2.18 3.32 -17.32
CA ALA A 273 -1.84 3.57 -18.72
C ALA A 273 -2.77 2.81 -19.67
N LEU A 274 -2.98 1.52 -19.43
CA LEU A 274 -3.78 0.70 -20.34
C LEU A 274 -5.27 1.04 -20.24
N LEU A 275 -5.72 1.57 -19.09
CA LEU A 275 -7.13 1.95 -18.95
C LEU A 275 -7.46 3.15 -19.83
N ARG A 276 -6.52 4.09 -20.00
CA ARG A 276 -6.70 5.17 -20.97
C ARG A 276 -6.56 4.64 -22.39
N ARG A 277 -5.33 4.28 -22.78
CA ARG A 277 -5.07 3.61 -24.04
C ARG A 277 -5.52 2.14 -24.00
#